data_5U27
#
_entry.id   5U27
#
_cell.length_a   29.730
_cell.length_b   66.550
_cell.length_c   77.600
_cell.angle_alpha   90.000
_cell.angle_beta   90.000
_cell.angle_gamma   90.000
#
_symmetry.space_group_name_H-M   'P 21 21 21'
#
loop_
_entity.id
_entity.type
_entity.pdbx_description
1 polymer 'Dihydrofolate reductase'
2 non-polymer 'NADP NICOTINAMIDE-ADENINE-DINUCLEOTIDE PHOSPHATE'
3 non-polymer 1,2-ETHANEDIOL
4 non-polymer 2,4-diamino-6-methyl-5-[3-(2,4,5-trichlorophenoxy)propyloxy]pyrimidine
5 water water
#
_entity_poly.entity_id   1
_entity_poly.type   'polypeptide(L)'
_entity_poly.pdbx_seq_one_letter_code
;MGSSHHHHHHSSGLVPRGSHMVGLIWAQATSGVIGRGGDIPWRLPEDQAHFREITMGHTIVMGRRTWDSLPAKVRPLPGR
RNVVLSRQADFMASGAEVVGSLEEALTSPETWVIGGGQVYALALPYATRCEVTEVDIGLPREAGDALAPVLDETWRGETG
EWRFSRSGLRYRLYSYHRS
;
_entity_poly.pdbx_strand_id   A
#
# COMPACT_ATOMS: atom_id res chain seq x y z
N LEU A 14 -7.36 7.20 -18.65
CA LEU A 14 -6.70 5.92 -18.86
C LEU A 14 -7.60 4.75 -18.45
N VAL A 15 -8.37 4.94 -17.39
CA VAL A 15 -9.21 3.86 -16.86
C VAL A 15 -10.68 4.05 -17.25
N PRO A 16 -11.23 3.10 -18.03
CA PRO A 16 -12.67 3.16 -18.30
C PRO A 16 -13.44 3.08 -16.98
N ARG A 17 -14.47 3.89 -16.81
CA ARG A 17 -15.12 4.01 -15.50
C ARG A 17 -15.89 2.75 -15.15
N GLY A 18 -16.15 1.91 -16.15
CA GLY A 18 -16.85 0.66 -15.93
C GLY A 18 -15.94 -0.48 -15.54
N SER A 19 -14.64 -0.23 -15.53
CA SER A 19 -13.67 -1.24 -15.15
CA SER A 19 -13.67 -1.24 -15.15
C SER A 19 -13.35 -1.16 -13.66
N HIS A 20 -12.50 -2.06 -13.18
CA HIS A 20 -12.10 -2.03 -11.78
C HIS A 20 -10.60 -2.18 -11.65
N MET A 21 -9.89 -1.08 -11.80
CA MET A 21 -8.44 -1.08 -11.67
C MET A 21 -8.07 -1.23 -10.21
N VAL A 22 -7.35 -2.29 -9.90
CA VAL A 22 -6.82 -2.50 -8.56
C VAL A 22 -5.31 -2.30 -8.58
N GLY A 23 -4.82 -1.38 -7.78
CA GLY A 23 -3.39 -1.16 -7.64
C GLY A 23 -2.90 -1.47 -6.23
N LEU A 24 -1.68 -1.95 -6.13
CA LEU A 24 -1.03 -2.14 -4.83
C LEU A 24 0.04 -1.09 -4.66
N ILE A 25 0.17 -0.54 -3.45
CA ILE A 25 1.24 0.43 -3.21
C ILE A 25 1.88 0.18 -1.86
N TRP A 26 3.21 0.08 -1.85
CA TRP A 26 3.94 -0.17 -0.62
C TRP A 26 5.38 0.35 -0.68
N ALA A 27 5.97 0.49 0.50
CA ALA A 27 7.38 0.77 0.64
C ALA A 27 8.06 -0.42 1.31
N GLN A 28 9.20 -0.84 0.79
CA GLN A 28 9.89 -1.98 1.34
C GLN A 28 11.38 -1.72 1.48
N ALA A 29 11.98 -2.36 2.47
CA ALA A 29 13.43 -2.47 2.55
C ALA A 29 13.88 -3.35 1.40
N THR A 30 15.17 -3.37 1.12
CA THR A 30 15.67 -4.17 0.01
C THR A 30 15.45 -5.66 0.27
N SER A 31 15.35 -6.02 1.54
CA SER A 31 15.13 -7.41 1.95
C SER A 31 13.67 -7.83 1.77
N GLY A 32 12.80 -6.88 1.48
CA GLY A 32 11.39 -7.18 1.35
C GLY A 32 10.56 -6.91 2.60
N VAL A 33 11.22 -6.54 3.70
CA VAL A 33 10.49 -6.18 4.92
C VAL A 33 9.64 -4.94 4.68
N ILE A 34 8.36 -4.99 5.01
CA ILE A 34 7.51 -3.80 4.94
C ILE A 34 6.96 -3.37 6.30
N GLY A 35 6.92 -4.31 7.25
CA GLY A 35 6.29 -4.04 8.52
C GLY A 35 6.93 -4.83 9.65
N ARG A 36 6.90 -4.26 10.85
CA ARG A 36 7.56 -4.84 12.01
C ARG A 36 7.03 -4.20 13.28
N GLY A 37 6.57 -5.02 14.22
CA GLY A 37 6.04 -4.51 15.48
C GLY A 37 4.87 -3.55 15.35
N GLY A 38 4.06 -3.76 14.31
CA GLY A 38 2.89 -2.92 14.09
C GLY A 38 3.25 -1.55 13.57
N ASP A 39 4.42 -1.44 12.95
CA ASP A 39 4.90 -0.16 12.43
C ASP A 39 5.71 -0.37 11.16
N ILE A 40 6.14 0.74 10.56
CA ILE A 40 7.12 0.68 9.48
C ILE A 40 8.47 1.09 10.07
N PRO A 41 9.47 0.20 9.98
CA PRO A 41 10.74 0.40 10.70
C PRO A 41 11.69 1.42 10.07
N TRP A 42 11.14 2.45 9.43
CA TRP A 42 11.92 3.59 8.96
C TRP A 42 10.95 4.75 8.77
N ARG A 43 11.49 5.95 8.62
CA ARG A 43 10.68 7.12 8.29
C ARG A 43 11.25 7.73 7.03
N LEU A 44 10.36 8.01 6.08
CA LEU A 44 10.76 8.56 4.80
C LEU A 44 9.67 9.48 4.29
N PRO A 45 9.73 10.77 4.69
CA PRO A 45 8.72 11.75 4.29
C PRO A 45 8.52 11.80 2.79
N GLU A 46 9.61 11.65 2.03
CA GLU A 46 9.52 11.62 0.57
C GLU A 46 8.60 10.50 0.09
N ASP A 47 8.65 9.35 0.75
CA ASP A 47 7.76 8.23 0.39
C ASP A 47 6.32 8.53 0.77
N GLN A 48 6.13 9.17 1.91
CA GLN A 48 4.80 9.53 2.34
C GLN A 48 4.16 10.47 1.33
N ALA A 49 4.96 11.41 0.82
CA ALA A 49 4.50 12.33 -0.21
C ALA A 49 4.10 11.57 -1.48
N HIS A 50 4.97 10.66 -1.90
CA HIS A 50 4.75 9.85 -3.09
C HIS A 50 3.46 9.03 -2.97
N PHE A 51 3.30 8.39 -1.81
CA PHE A 51 2.11 7.60 -1.50
C PHE A 51 0.86 8.47 -1.55
N ARG A 52 0.97 9.67 -1.01
CA ARG A 52 -0.12 10.63 -1.02
C ARG A 52 -0.49 11.05 -2.45
N GLU A 53 0.52 11.31 -3.27
CA GLU A 53 0.32 11.71 -4.66
C GLU A 53 -0.49 10.66 -5.44
N ILE A 54 -0.11 9.40 -5.29
CA ILE A 54 -0.72 8.30 -6.05
CA ILE A 54 -0.73 8.31 -6.06
C ILE A 54 -2.16 7.99 -5.60
N THR A 55 -2.38 7.97 -4.30
CA THR A 55 -3.68 7.51 -3.78
C THR A 55 -4.75 8.59 -3.65
N MET A 56 -4.36 9.86 -3.71
CA MET A 56 -5.29 10.95 -3.49
C MET A 56 -6.51 10.90 -4.42
N GLY A 57 -7.69 11.06 -3.85
CA GLY A 57 -8.92 11.13 -4.60
C GLY A 57 -9.50 9.77 -4.95
N HIS A 58 -8.81 8.71 -4.55
CA HIS A 58 -9.26 7.36 -4.87
C HIS A 58 -9.73 6.62 -3.63
N THR A 59 -10.34 5.45 -3.84
CA THR A 59 -10.65 4.58 -2.73
C THR A 59 -9.37 3.86 -2.31
N ILE A 60 -9.14 3.80 -1.01
CA ILE A 60 -8.03 3.03 -0.48
C ILE A 60 -8.55 1.92 0.42
N VAL A 61 -7.92 0.75 0.32
CA VAL A 61 -8.34 -0.43 1.06
C VAL A 61 -7.15 -0.92 1.88
N MET A 62 -7.39 -1.16 3.17
CA MET A 62 -6.33 -1.58 4.08
C MET A 62 -6.84 -2.62 5.04
N GLY A 63 -5.95 -3.50 5.50
CA GLY A 63 -6.29 -4.45 6.53
C GLY A 63 -6.44 -3.73 7.85
N ARG A 64 -7.18 -4.31 8.78
CA ARG A 64 -7.43 -3.70 10.08
C ARG A 64 -6.12 -3.33 10.80
N ARG A 65 -5.11 -4.18 10.68
CA ARG A 65 -3.84 -3.95 11.37
CA ARG A 65 -3.85 -3.93 11.38
C ARG A 65 -3.12 -2.72 10.79
N THR A 66 -3.32 -2.46 9.51
CA THR A 66 -2.74 -1.27 8.88
C THR A 66 -3.47 0.00 9.33
N TRP A 67 -4.77 -0.11 9.53
CA TRP A 67 -5.54 0.98 10.12
C TRP A 67 -4.99 1.31 11.51
N ASP A 68 -4.75 0.27 12.32
CA ASP A 68 -4.17 0.46 13.64
C ASP A 68 -2.81 1.14 13.57
N SER A 69 -2.08 0.93 12.47
CA SER A 69 -0.71 1.43 12.35
C SER A 69 -0.64 2.89 11.90
N LEU A 70 -1.77 3.44 11.45
CA LEU A 70 -1.78 4.82 10.96
C LEU A 70 -1.54 5.82 12.09
N PRO A 71 -0.61 6.77 11.88
CA PRO A 71 -0.48 7.86 12.85
C PRO A 71 -1.82 8.57 13.00
N ALA A 72 -2.19 8.86 14.24
CA ALA A 72 -3.47 9.49 14.56
C ALA A 72 -3.76 10.71 13.68
N LYS A 73 -2.73 11.49 13.38
CA LYS A 73 -2.92 12.73 12.63
C LYS A 73 -3.36 12.48 11.20
N VAL A 74 -3.18 11.24 10.72
CA VAL A 74 -3.61 10.89 9.37
C VAL A 74 -4.48 9.63 9.38
N ARG A 75 -5.26 9.48 10.45
CA ARG A 75 -6.20 8.37 10.55
C ARG A 75 -7.62 8.91 10.82
N PRO A 76 -8.47 8.91 9.79
CA PRO A 76 -8.27 8.37 8.45
C PRO A 76 -7.37 9.22 7.55
N LEU A 77 -6.87 8.63 6.47
CA LEU A 77 -6.08 9.37 5.50
C LEU A 77 -6.99 10.35 4.76
N PRO A 78 -6.69 11.65 4.88
CA PRO A 78 -7.58 12.67 4.31
C PRO A 78 -7.61 12.65 2.78
N GLY A 79 -8.73 13.09 2.19
CA GLY A 79 -8.85 13.20 0.75
C GLY A 79 -9.07 11.89 0.04
N ARG A 80 -9.29 10.83 0.81
CA ARG A 80 -9.47 9.50 0.26
C ARG A 80 -10.56 8.75 1.01
N ARG A 81 -11.31 7.93 0.29
CA ARG A 81 -12.31 7.06 0.92
C ARG A 81 -11.62 5.86 1.57
N ASN A 82 -11.52 5.88 2.89
CA ASN A 82 -10.83 4.83 3.64
C ASN A 82 -11.69 3.60 3.83
N VAL A 83 -11.22 2.46 3.36
CA VAL A 83 -11.93 1.20 3.52
C VAL A 83 -11.07 0.24 4.31
N VAL A 84 -11.62 -0.30 5.39
CA VAL A 84 -10.88 -1.22 6.25
C VAL A 84 -11.48 -2.62 6.22
N LEU A 85 -10.64 -3.61 5.90
CA LEU A 85 -11.05 -5.01 5.96
C LEU A 85 -10.87 -5.56 7.37
N SER A 86 -11.95 -6.10 7.94
CA SER A 86 -11.89 -6.73 9.26
C SER A 86 -12.97 -7.80 9.37
N ARG A 87 -12.75 -8.77 10.25
CA ARG A 87 -13.77 -9.78 10.50
C ARG A 87 -14.49 -9.43 11.80
N GLN A 88 -14.11 -8.31 12.39
CA GLN A 88 -14.78 -7.81 13.59
C GLN A 88 -15.91 -6.86 13.21
N ALA A 89 -17.15 -7.31 13.38
CA ALA A 89 -18.30 -6.52 12.98
C ALA A 89 -18.43 -5.24 13.81
N ASP A 90 -17.97 -5.30 15.06
CA ASP A 90 -18.09 -4.17 15.96
C ASP A 90 -16.85 -3.26 15.95
N PHE A 91 -15.99 -3.42 14.94
CA PHE A 91 -14.77 -2.63 14.90
C PHE A 91 -15.05 -1.14 14.71
N MET A 92 -14.43 -0.32 15.56
CA MET A 92 -14.60 1.13 15.47
C MET A 92 -13.47 1.75 14.66
N ALA A 93 -13.82 2.31 13.51
CA ALA A 93 -12.85 2.96 12.64
C ALA A 93 -13.41 4.29 12.20
N SER A 94 -13.26 5.30 13.06
CA SER A 94 -13.85 6.60 12.81
C SER A 94 -13.30 7.25 11.55
N GLY A 95 -14.19 7.58 10.62
CA GLY A 95 -13.80 8.24 9.39
C GLY A 95 -13.56 7.26 8.27
N ALA A 96 -13.78 5.99 8.56
CA ALA A 96 -13.60 4.92 7.60
C ALA A 96 -14.82 4.01 7.57
N GLU A 97 -14.91 3.18 6.54
CA GLU A 97 -15.95 2.15 6.52
C GLU A 97 -15.28 0.79 6.69
N VAL A 98 -15.96 -0.11 7.39
CA VAL A 98 -15.44 -1.44 7.62
C VAL A 98 -16.22 -2.46 6.81
N VAL A 99 -15.51 -3.27 6.04
CA VAL A 99 -16.14 -4.31 5.25
C VAL A 99 -15.57 -5.67 5.63
N GLY A 100 -16.36 -6.73 5.46
CA GLY A 100 -15.93 -8.06 5.85
C GLY A 100 -15.42 -8.93 4.72
N SER A 101 -15.34 -8.37 3.52
CA SER A 101 -14.92 -9.16 2.37
C SER A 101 -14.23 -8.29 1.33
N LEU A 102 -13.37 -8.92 0.54
CA LEU A 102 -12.66 -8.22 -0.51
C LEU A 102 -13.61 -7.75 -1.59
N GLU A 103 -14.63 -8.55 -1.88
CA GLU A 103 -15.61 -8.21 -2.91
C GLU A 103 -16.24 -6.84 -2.66
N GLU A 104 -16.67 -6.58 -1.44
CA GLU A 104 -17.31 -5.30 -1.13
C GLU A 104 -16.31 -4.15 -1.02
N ALA A 105 -15.02 -4.45 -1.02
CA ALA A 105 -14.01 -3.42 -0.87
C ALA A 105 -13.53 -2.89 -2.23
N LEU A 106 -13.75 -3.67 -3.28
CA LEU A 106 -13.16 -3.35 -4.59
C LEU A 106 -14.21 -2.89 -5.61
N THR A 107 -15.17 -2.08 -5.18
CA THR A 107 -16.28 -1.68 -6.04
C THR A 107 -16.03 -0.40 -6.84
N SER A 108 -15.01 0.37 -6.45
CA SER A 108 -14.67 1.63 -7.13
CA SER A 108 -14.70 1.62 -7.15
C SER A 108 -13.96 1.38 -8.46
N PRO A 109 -14.04 2.33 -9.40
CA PRO A 109 -13.30 2.14 -10.66
C PRO A 109 -11.80 2.06 -10.43
N GLU A 110 -11.30 2.82 -9.44
CA GLU A 110 -9.89 2.80 -9.11
C GLU A 110 -9.69 2.61 -7.61
N THR A 111 -9.02 1.52 -7.25
CA THR A 111 -8.79 1.21 -5.85
C THR A 111 -7.30 1.01 -5.60
N TRP A 112 -6.80 1.64 -4.54
CA TRP A 112 -5.42 1.38 -4.11
C TRP A 112 -5.41 0.63 -2.78
N VAL A 113 -4.86 -0.57 -2.83
CA VAL A 113 -4.66 -1.39 -1.64
C VAL A 113 -3.37 -0.95 -0.95
N ILE A 114 -3.47 -0.48 0.28
CA ILE A 114 -2.32 0.18 0.91
C ILE A 114 -1.69 -0.61 2.06
N GLY A 115 -2.00 -1.89 2.18
CA GLY A 115 -1.40 -2.74 3.21
C GLY A 115 -2.44 -3.47 4.05
N GLY A 116 -2.00 -4.40 4.89
CA GLY A 116 -0.59 -4.75 5.02
C GLY A 116 -0.25 -6.02 4.26
N GLY A 117 0.65 -6.82 4.83
CA GLY A 117 1.08 -8.06 4.20
C GLY A 117 -0.04 -9.03 3.84
N GLN A 118 -0.98 -9.25 4.75
CA GLN A 118 -2.11 -10.11 4.46
C GLN A 118 -2.97 -9.62 3.30
N VAL A 119 -3.25 -8.32 3.30
CA VAL A 119 -4.20 -7.79 2.33
C VAL A 119 -3.52 -7.60 0.96
N TYR A 120 -2.22 -7.33 0.94
CA TYR A 120 -1.49 -7.36 -0.33
C TYR A 120 -1.64 -8.73 -0.99
N ALA A 121 -1.40 -9.79 -0.23
CA ALA A 121 -1.51 -11.15 -0.76
C ALA A 121 -2.94 -11.46 -1.19
N LEU A 122 -3.91 -10.91 -0.47
CA LEU A 122 -5.33 -11.10 -0.78
C LEU A 122 -5.74 -10.43 -2.10
N ALA A 123 -5.27 -9.21 -2.31
CA ALA A 123 -5.69 -8.41 -3.46
C ALA A 123 -4.83 -8.61 -4.69
N LEU A 124 -3.60 -9.07 -4.49
CA LEU A 124 -2.62 -9.19 -5.59
C LEU A 124 -3.15 -9.85 -6.87
N PRO A 125 -3.89 -10.99 -6.76
CA PRO A 125 -4.32 -11.64 -7.99
C PRO A 125 -5.17 -10.77 -8.93
N TYR A 126 -5.82 -9.75 -8.39
CA TYR A 126 -6.71 -8.89 -9.19
C TYR A 126 -6.04 -7.59 -9.59
N ALA A 127 -4.84 -7.36 -9.06
CA ALA A 127 -4.14 -6.11 -9.28
C ALA A 127 -3.45 -6.06 -10.65
N THR A 128 -3.46 -4.88 -11.27
CA THR A 128 -2.78 -4.65 -12.53
C THR A 128 -1.75 -3.54 -12.43
N ARG A 129 -1.59 -2.98 -11.23
CA ARG A 129 -0.57 -1.95 -10.97
C ARG A 129 0.05 -2.17 -9.60
N CYS A 130 1.38 -2.04 -9.53
CA CYS A 130 2.08 -1.96 -8.25
C CYS A 130 3.01 -0.76 -8.25
N GLU A 131 2.85 0.12 -7.27
CA GLU A 131 3.76 1.23 -7.09
C GLU A 131 4.61 0.99 -5.86
N VAL A 132 5.89 0.74 -6.08
CA VAL A 132 6.78 0.30 -5.01
C VAL A 132 7.87 1.32 -4.74
N THR A 133 8.03 1.67 -3.47
CA THR A 133 9.21 2.40 -3.02
C THR A 133 10.19 1.42 -2.42
N GLU A 134 11.41 1.38 -2.96
CA GLU A 134 12.45 0.56 -2.35
C GLU A 134 13.38 1.45 -1.56
N VAL A 135 13.50 1.16 -0.27
CA VAL A 135 14.36 1.94 0.61
C VAL A 135 15.66 1.16 0.85
N ASP A 136 16.80 1.80 0.57
CA ASP A 136 18.07 1.12 0.68
C ASP A 136 18.48 1.02 2.15
N ILE A 137 17.85 0.09 2.85
CA ILE A 137 18.16 -0.19 4.24
C ILE A 137 18.23 -1.71 4.40
N GLY A 138 19.32 -2.18 4.98
CA GLY A 138 19.62 -3.60 4.99
C GLY A 138 19.02 -4.34 6.16
N LEU A 139 17.75 -4.06 6.46
CA LEU A 139 17.03 -4.76 7.52
C LEU A 139 16.79 -6.21 7.16
N PRO A 140 17.50 -7.14 7.82
CA PRO A 140 17.23 -8.54 7.51
C PRO A 140 15.82 -8.97 7.92
N ARG A 141 15.28 -9.97 7.22
CA ARG A 141 13.97 -10.50 7.55
C ARG A 141 13.99 -11.18 8.90
N GLU A 142 13.01 -10.84 9.74
CA GLU A 142 12.93 -11.39 11.09
C GLU A 142 11.59 -12.10 11.28
N ALA A 143 11.53 -12.97 12.29
CA ALA A 143 10.29 -13.64 12.63
C ALA A 143 9.20 -12.63 12.96
N GLY A 144 8.02 -12.84 12.40
CA GLY A 144 6.90 -11.95 12.65
C GLY A 144 6.85 -10.71 11.76
N ASP A 145 7.87 -10.53 10.91
CA ASP A 145 7.88 -9.39 10.00
C ASP A 145 6.76 -9.47 8.97
N ALA A 146 6.22 -8.32 8.58
CA ALA A 146 5.33 -8.27 7.41
C ALA A 146 6.20 -8.07 6.17
N LEU A 147 5.92 -8.85 5.12
CA LEU A 147 6.75 -8.83 3.92
C LEU A 147 5.95 -8.41 2.69
N ALA A 148 6.65 -7.79 1.74
CA ALA A 148 6.05 -7.40 0.47
C ALA A 148 5.65 -8.65 -0.30
N PRO A 149 4.56 -8.57 -1.07
CA PRO A 149 4.15 -9.75 -1.83
C PRO A 149 5.15 -10.09 -2.94
N VAL A 150 5.23 -11.37 -3.29
CA VAL A 150 6.10 -11.82 -4.37
C VAL A 150 5.36 -11.67 -5.70
N LEU A 151 5.97 -10.99 -6.65
CA LEU A 151 5.35 -10.74 -7.95
C LEU A 151 5.70 -11.81 -8.99
N ASP A 152 4.73 -12.28 -9.77
CA ASP A 152 5.07 -13.27 -10.80
C ASP A 152 5.70 -12.60 -12.02
N GLU A 153 5.97 -13.40 -13.05
CA GLU A 153 6.70 -12.92 -14.21
C GLU A 153 5.83 -12.09 -15.15
N THR A 154 4.52 -12.01 -14.88
CA THR A 154 3.64 -11.29 -15.79
C THR A 154 3.75 -9.79 -15.56
N TRP A 155 4.29 -9.41 -14.41
CA TRP A 155 4.46 -7.99 -14.11
C TRP A 155 5.62 -7.41 -14.92
N ARG A 156 5.51 -6.13 -15.24
CA ARG A 156 6.58 -5.44 -15.95
C ARG A 156 6.48 -3.95 -15.64
N GLY A 157 7.59 -3.23 -15.80
CA GLY A 157 7.57 -1.81 -15.54
C GLY A 157 8.94 -1.18 -15.61
N GLU A 158 9.08 -0.05 -14.95
CA GLU A 158 10.35 0.66 -14.95
C GLU A 158 10.87 0.92 -13.54
N THR A 159 12.18 0.87 -13.41
CA THR A 159 12.87 1.16 -12.17
C THR A 159 13.48 2.55 -12.24
N GLY A 160 13.14 3.40 -11.27
CA GLY A 160 13.69 4.74 -11.24
C GLY A 160 15.09 4.75 -10.66
N GLU A 161 15.76 5.89 -10.73
CA GLU A 161 17.12 6.01 -10.18
C GLU A 161 17.11 6.22 -8.67
N TRP A 162 18.19 5.81 -8.02
CA TRP A 162 18.36 6.06 -6.59
C TRP A 162 18.37 7.56 -6.31
N ARG A 163 17.82 7.93 -5.16
CA ARG A 163 17.79 9.33 -4.74
C ARG A 163 18.02 9.41 -3.23
N PHE A 164 18.80 10.39 -2.79
CA PHE A 164 18.96 10.63 -1.37
C PHE A 164 17.76 11.39 -0.81
N SER A 165 17.22 10.93 0.31
CA SER A 165 16.22 11.71 1.02
C SER A 165 16.93 12.83 1.76
N ARG A 166 16.14 13.71 2.40
CA ARG A 166 16.66 14.75 3.27
CA ARG A 166 16.75 14.76 3.19
C ARG A 166 17.61 14.17 4.33
N SER A 167 17.23 13.02 4.85
CA SER A 167 17.96 12.42 5.97
C SER A 167 19.24 11.70 5.55
N GLY A 168 19.40 11.45 4.25
CA GLY A 168 20.55 10.72 3.76
C GLY A 168 20.22 9.28 3.44
N LEU A 169 18.99 8.89 3.74
CA LEU A 169 18.49 7.57 3.38
C LEU A 169 18.21 7.56 1.89
N ARG A 170 18.69 6.56 1.16
CA ARG A 170 18.39 6.58 -0.27
C ARG A 170 17.28 5.59 -0.63
N TYR A 171 16.53 5.96 -1.66
CA TYR A 171 15.36 5.21 -2.08
C TYR A 171 15.18 5.33 -3.60
N ARG A 172 14.36 4.45 -4.17
CA ARG A 172 14.02 4.57 -5.58
C ARG A 172 12.61 4.05 -5.80
N LEU A 173 12.02 4.38 -6.94
CA LEU A 173 10.64 4.03 -7.20
C LEU A 173 10.53 3.01 -8.31
N TYR A 174 9.63 2.05 -8.13
CA TYR A 174 9.28 1.09 -9.16
C TYR A 174 7.83 1.28 -9.54
N SER A 175 7.53 1.30 -10.83
CA SER A 175 6.16 1.32 -11.30
CA SER A 175 6.16 1.32 -11.30
C SER A 175 5.90 0.08 -12.15
N TYR A 176 5.20 -0.89 -11.57
CA TYR A 176 4.84 -2.13 -12.27
C TYR A 176 3.41 -2.11 -12.77
N HIS A 177 3.18 -2.85 -13.84
CA HIS A 177 1.84 -3.04 -14.34
C HIS A 177 1.75 -4.35 -15.09
N ARG A 178 0.53 -4.75 -15.41
CA ARG A 178 0.27 -5.92 -16.22
C ARG A 178 -1.16 -5.81 -16.76
N SER A 179 -1.52 -6.69 -17.68
CA SER A 179 -2.81 -6.60 -18.33
C SER A 179 -3.95 -7.16 -17.46
#